data_6EDJ
#
_entry.id   6EDJ
#
_entity_poly.entity_id   1
_entity_poly.type   'polypeptide(L)'
_entity_poly.pdbx_seq_one_letter_code
;MDIDPYKEFGSSYQLLNFLPLDFFPDLNALVDTATALYEEELTGREHCSPHHTAIRQALVCWDELTKLIAWMSSNITSEQ
VRTIIVNHVNDTWGLKVRQSLWFHLSCLTFGQHTVQEFLVSFGVWIRTPAPYRPPNAPILSTLPEHTVI
;
_entity_poly.pdbx_strand_id   A,B,C,D
#
# COMPACT_ATOMS: atom_id res chain seq x y z
N MET A 1 -3.13 5.80 -3.71
CA MET A 1 -2.72 6.22 -2.37
C MET A 1 -2.81 7.72 -2.17
N ASP A 2 -2.00 8.25 -1.24
CA ASP A 2 -2.14 9.63 -0.78
C ASP A 2 -0.81 10.38 -0.87
N ILE A 3 -0.16 10.32 -2.03
CA ILE A 3 1.15 10.95 -2.20
C ILE A 3 1.00 12.46 -2.21
N ASP A 4 2.10 13.13 -1.91
CA ASP A 4 2.19 14.59 -2.01
C ASP A 4 2.89 14.99 -3.29
N PRO A 5 2.27 15.85 -4.11
CA PRO A 5 2.86 16.19 -5.41
C PRO A 5 4.00 17.19 -5.32
N TYR A 6 4.42 17.55 -4.12
CA TYR A 6 5.53 18.46 -3.91
C TYR A 6 6.66 17.77 -3.17
N LYS A 7 6.50 16.47 -2.92
CA LYS A 7 7.43 15.71 -2.10
C LYS A 7 8.81 15.63 -2.73
N GLU A 8 8.88 15.44 -4.05
CA GLU A 8 10.17 15.46 -4.70
C GLU A 8 10.71 16.87 -4.84
N PHE A 9 9.86 17.87 -4.69
CA PHE A 9 10.25 19.25 -4.90
C PHE A 9 10.59 19.96 -3.59
N GLY A 10 10.84 19.18 -2.54
CA GLY A 10 11.22 19.75 -1.28
C GLY A 10 10.10 20.50 -0.58
N SER A 11 8.85 20.14 -0.86
CA SER A 11 7.73 20.83 -0.23
C SER A 11 6.63 19.83 0.09
N SER A 12 5.52 20.35 0.62
CA SER A 12 4.40 19.50 1.00
C SER A 12 3.14 20.33 0.94
N TYR A 13 2.04 19.71 1.34
CA TYR A 13 0.81 20.45 1.60
C TYR A 13 1.01 21.41 2.76
N GLN A 14 1.77 20.97 3.76
CA GLN A 14 1.93 21.73 5.00
C GLN A 14 2.69 23.02 4.74
N LEU A 15 3.65 23.00 3.82
CA LEU A 15 4.32 24.22 3.44
C LEU A 15 3.36 25.17 2.73
N LEU A 16 2.44 24.61 1.94
CA LEU A 16 1.43 25.44 1.32
C LEU A 16 0.32 25.79 2.29
N ASN A 17 0.22 25.06 3.38
CA ASN A 17 -0.75 25.42 4.40
C ASN A 17 -0.35 26.64 5.21
N PHE A 18 0.88 27.13 5.05
CA PHE A 18 1.22 28.47 5.48
C PHE A 18 0.41 29.51 4.72
N LEU A 19 0.21 29.29 3.44
CA LEU A 19 -0.49 30.23 2.59
C LEU A 19 -1.99 30.15 2.87
N PRO A 20 -2.66 31.28 3.05
CA PRO A 20 -4.11 31.26 3.11
C PRO A 20 -4.71 30.98 1.75
N LEU A 21 -6.00 30.66 1.73
CA LEU A 21 -6.67 30.25 0.52
C LEU A 21 -7.09 31.42 -0.35
N ASP A 22 -6.74 32.65 0.04
CA ASP A 22 -7.06 33.81 -0.76
C ASP A 22 -5.82 34.49 -1.30
N PHE A 23 -4.64 34.00 -0.95
CA PHE A 23 -3.40 34.57 -1.46
C PHE A 23 -3.21 34.28 -2.94
N PHE A 24 -3.79 33.19 -3.43
CA PHE A 24 -3.46 32.68 -4.74
C PHE A 24 -4.06 33.55 -5.84
N PRO A 25 -3.39 33.71 -6.97
CA PRO A 25 -3.98 34.47 -8.07
C PRO A 25 -5.11 33.69 -8.71
N ASP A 26 -5.92 34.38 -9.49
CA ASP A 26 -6.96 33.69 -10.23
C ASP A 26 -6.38 32.97 -11.43
N LEU A 27 -7.19 32.11 -12.04
CA LEU A 27 -6.66 31.12 -12.96
C LEU A 27 -6.20 31.74 -14.26
N ASN A 28 -7.02 32.63 -14.83
CA ASN A 28 -6.79 33.12 -16.19
C ASN A 28 -5.52 33.95 -16.30
N ALA A 29 -5.23 34.75 -15.26
CA ALA A 29 -3.98 35.48 -15.22
C ALA A 29 -2.80 34.52 -15.07
N LEU A 30 -2.98 33.45 -14.30
CA LEU A 30 -1.95 32.43 -14.21
C LEU A 30 -1.84 31.64 -15.50
N VAL A 31 -2.99 31.41 -16.16
CA VAL A 31 -2.98 30.79 -17.48
C VAL A 31 -2.24 31.68 -18.47
N ASP A 32 -2.51 32.98 -18.43
CA ASP A 32 -1.87 33.89 -19.38
C ASP A 32 -0.40 34.10 -19.03
N THR A 33 -0.03 33.85 -17.77
CA THR A 33 1.36 34.04 -17.38
C THR A 33 2.26 33.00 -17.99
N ALA A 34 1.87 31.73 -17.89
CA ALA A 34 2.62 30.65 -18.54
C ALA A 34 2.51 30.75 -20.05
N THR A 35 1.39 31.31 -20.54
CA THR A 35 1.23 31.57 -21.96
C THR A 35 2.21 32.65 -22.40
N ALA A 36 2.46 33.62 -21.52
CA ALA A 36 3.38 34.71 -21.85
C ALA A 36 4.82 34.23 -21.93
N LEU A 37 5.16 33.21 -21.18
CA LEU A 37 6.55 32.81 -21.07
C LEU A 37 6.85 31.47 -21.70
N TYR A 38 6.00 30.48 -21.49
CA TYR A 38 6.43 29.10 -21.58
C TYR A 38 5.60 28.28 -22.56
N GLU A 39 4.90 28.95 -23.47
CA GLU A 39 4.01 28.27 -24.40
C GLU A 39 4.78 27.35 -25.34
N GLU A 40 5.87 27.86 -25.90
CA GLU A 40 6.72 27.00 -26.72
C GLU A 40 7.47 26.00 -25.85
N GLU A 41 7.68 26.31 -24.58
CA GLU A 41 8.42 25.39 -23.71
C GLU A 41 7.53 24.22 -23.30
N LEU A 42 6.27 24.49 -23.02
CA LEU A 42 5.38 23.42 -22.59
C LEU A 42 4.93 22.57 -23.76
N THR A 43 4.84 23.14 -24.95
CA THR A 43 4.44 22.41 -26.13
C THR A 43 5.62 21.85 -26.89
N GLY A 44 6.84 22.02 -26.37
CA GLY A 44 8.03 21.57 -27.06
C GLY A 44 8.27 20.08 -26.92
N ARG A 45 9.53 19.71 -27.07
CA ARG A 45 9.95 18.32 -26.96
C ARG A 45 10.93 18.11 -25.82
N GLU A 46 11.46 19.19 -25.26
CA GLU A 46 12.56 19.09 -24.31
C GLU A 46 12.06 18.65 -22.94
N HIS A 47 12.77 17.68 -22.37
CA HIS A 47 12.38 17.02 -21.13
C HIS A 47 12.78 17.80 -19.90
N CYS A 48 12.98 19.11 -20.03
CA CYS A 48 13.55 20.00 -19.01
C CYS A 48 12.75 19.94 -17.72
N SER A 49 13.37 20.41 -16.62
CA SER A 49 13.15 20.07 -15.21
C SER A 49 11.68 19.84 -14.87
N PRO A 50 11.38 18.78 -14.11
CA PRO A 50 9.99 18.24 -14.03
C PRO A 50 8.94 19.19 -13.48
N HIS A 51 9.34 20.38 -13.03
CA HIS A 51 8.42 21.48 -12.89
C HIS A 51 7.74 21.82 -14.21
N HIS A 52 8.47 21.68 -15.33
CA HIS A 52 7.84 21.72 -16.65
C HIS A 52 6.78 20.64 -16.79
N THR A 53 7.08 19.44 -16.31
CA THR A 53 6.18 18.31 -16.51
C THR A 53 4.91 18.49 -15.71
N ALA A 54 5.02 19.09 -14.52
CA ALA A 54 3.88 19.21 -13.63
C ALA A 54 2.87 20.21 -14.15
N ILE A 55 3.34 21.22 -14.87
CA ILE A 55 2.44 22.21 -15.45
C ILE A 55 1.64 21.56 -16.57
N ARG A 56 2.27 20.63 -17.30
CA ARG A 56 1.62 19.98 -18.44
C ARG A 56 0.42 19.17 -18.00
N GLN A 57 0.55 18.45 -16.87
CA GLN A 57 -0.60 17.75 -16.34
C GLN A 57 -1.59 18.72 -15.71
N ALA A 58 -1.10 19.86 -15.23
CA ALA A 58 -1.96 20.80 -14.53
C ALA A 58 -2.94 21.47 -15.46
N LEU A 59 -2.48 21.84 -16.66
CA LEU A 59 -3.37 22.49 -17.59
C LEU A 59 -4.37 21.51 -18.20
N VAL A 60 -3.94 20.25 -18.39
CA VAL A 60 -4.84 19.21 -18.84
C VAL A 60 -5.92 18.96 -17.79
N CYS A 61 -5.55 19.04 -16.51
CA CYS A 61 -6.53 19.05 -15.44
C CYS A 61 -7.47 20.26 -15.57
N TRP A 62 -6.94 21.40 -15.99
CA TRP A 62 -7.79 22.55 -16.13
C TRP A 62 -8.60 22.51 -17.40
N ASP A 63 -8.02 21.96 -18.48
CA ASP A 63 -8.66 22.07 -19.80
C ASP A 63 -9.90 21.20 -19.89
N GLU A 64 -9.85 19.98 -19.37
CA GLU A 64 -11.06 19.16 -19.39
C GLU A 64 -12.01 19.56 -18.28
N LEU A 65 -11.53 20.34 -17.32
CA LEU A 65 -12.43 20.90 -16.32
C LEU A 65 -13.33 21.94 -16.94
N THR A 66 -12.80 22.73 -17.88
CA THR A 66 -13.62 23.72 -18.56
C THR A 66 -14.67 23.08 -19.44
N LYS A 67 -14.31 22.00 -20.14
CA LYS A 67 -15.28 21.26 -20.93
C LYS A 67 -16.30 20.58 -20.04
N LEU A 68 -15.89 20.18 -18.83
CA LEU A 68 -16.81 19.56 -17.89
C LEU A 68 -17.86 20.56 -17.41
N ILE A 69 -17.43 21.78 -17.12
CA ILE A 69 -18.37 22.84 -16.75
C ILE A 69 -19.25 23.20 -17.93
N ALA A 70 -18.66 23.25 -19.13
CA ALA A 70 -19.43 23.58 -20.32
C ALA A 70 -20.39 22.45 -20.68
N TRP A 71 -20.06 21.21 -20.30
CA TRP A 71 -20.95 20.09 -20.58
C TRP A 71 -22.20 20.15 -19.72
N MET A 72 -22.01 20.13 -18.40
CA MET A 72 -23.13 20.00 -17.47
C MET A 72 -24.01 21.23 -17.44
N SER A 73 -23.47 22.40 -17.79
CA SER A 73 -24.31 23.59 -17.89
C SER A 73 -25.19 23.52 -19.13
N SER A 74 -24.61 23.09 -20.26
CA SER A 74 -25.34 23.06 -21.51
C SER A 74 -26.36 21.94 -21.58
N ASN A 75 -26.18 20.87 -20.80
CA ASN A 75 -26.99 19.68 -21.00
C ASN A 75 -27.89 19.36 -19.82
N ILE A 76 -27.33 19.19 -18.62
CA ILE A 76 -27.98 18.42 -17.57
C ILE A 76 -28.48 19.30 -16.44
N THR A 77 -27.62 20.11 -15.86
CA THR A 77 -27.91 20.77 -14.60
C THR A 77 -28.91 21.91 -14.78
N SER A 78 -29.90 21.95 -13.89
CA SER A 78 -30.75 23.12 -13.76
C SER A 78 -29.99 24.20 -12.99
N GLU A 79 -30.61 25.38 -12.90
CA GLU A 79 -29.88 26.57 -12.46
C GLU A 79 -29.55 26.52 -10.98
N GLN A 80 -30.41 25.90 -10.17
CA GLN A 80 -30.14 25.79 -8.75
C GLN A 80 -28.99 24.82 -8.47
N VAL A 81 -28.95 23.70 -9.17
CA VAL A 81 -27.91 22.70 -8.94
C VAL A 81 -26.58 23.19 -9.51
N ARG A 82 -26.64 23.94 -10.61
CA ARG A 82 -25.44 24.29 -11.37
C ARG A 82 -24.54 25.24 -10.59
N THR A 83 -25.13 26.26 -9.97
CA THR A 83 -24.34 27.27 -9.29
C THR A 83 -23.68 26.72 -8.03
N ILE A 84 -24.25 25.67 -7.45
CA ILE A 84 -23.63 25.02 -6.29
C ILE A 84 -22.42 24.22 -6.74
N ILE A 85 -22.50 23.60 -7.92
CA ILE A 85 -21.39 22.81 -8.44
C ILE A 85 -20.25 23.73 -8.86
N VAL A 86 -20.57 24.81 -9.58
CA VAL A 86 -19.56 25.75 -10.08
C VAL A 86 -18.84 26.41 -8.93
N ASN A 87 -19.57 26.76 -7.87
CA ASN A 87 -18.94 27.30 -6.66
C ASN A 87 -18.07 26.25 -5.98
N HIS A 88 -18.48 24.98 -6.05
CA HIS A 88 -17.75 23.94 -5.33
C HIS A 88 -16.47 23.59 -6.05
N VAL A 89 -16.50 23.53 -7.38
CA VAL A 89 -15.31 23.14 -8.10
C VAL A 89 -14.30 24.28 -8.12
N ASN A 90 -14.77 25.52 -8.04
CA ASN A 90 -13.82 26.64 -7.99
C ASN A 90 -13.13 26.69 -6.65
N ASP A 91 -13.79 26.19 -5.61
CA ASP A 91 -13.19 26.18 -4.28
C ASP A 91 -12.44 24.90 -3.98
N THR A 92 -12.59 23.87 -4.81
CA THR A 92 -11.91 22.61 -4.54
C THR A 92 -10.93 22.26 -5.66
N TRP A 93 -11.40 22.18 -6.90
CA TRP A 93 -10.52 21.79 -8.01
C TRP A 93 -9.51 22.89 -8.31
N GLY A 94 -10.00 24.05 -8.71
CA GLY A 94 -9.12 25.11 -9.17
C GLY A 94 -8.25 25.67 -8.06
N LEU A 95 -8.71 25.54 -6.82
CA LEU A 95 -7.88 25.86 -5.67
C LEU A 95 -6.63 25.00 -5.63
N LYS A 96 -6.79 23.70 -5.91
CA LYS A 96 -5.63 22.83 -6.06
C LYS A 96 -4.82 23.20 -7.30
N VAL A 97 -5.50 23.66 -8.34
CA VAL A 97 -4.80 24.15 -9.52
C VAL A 97 -4.08 25.44 -9.19
N ARG A 98 -4.72 26.30 -8.39
CA ARG A 98 -4.04 27.48 -7.89
C ARG A 98 -2.95 27.11 -6.90
N GLN A 99 -3.07 25.97 -6.24
CA GLN A 99 -1.91 25.43 -5.53
C GLN A 99 -0.87 24.95 -6.51
N SER A 100 -1.31 24.44 -7.66
CA SER A 100 -0.38 23.77 -8.57
C SER A 100 0.39 24.78 -9.38
N LEU A 101 -0.32 25.60 -10.16
CA LEU A 101 0.32 26.44 -11.18
C LEU A 101 1.15 27.54 -10.53
N TRP A 102 0.69 28.04 -9.39
CA TRP A 102 1.41 29.11 -8.70
C TRP A 102 2.75 28.61 -8.18
N PHE A 103 2.81 27.33 -7.84
CA PHE A 103 4.04 26.77 -7.31
C PHE A 103 5.12 26.69 -8.37
N HIS A 104 4.80 26.07 -9.51
CA HIS A 104 5.85 25.74 -10.47
C HIS A 104 6.24 26.95 -11.29
N LEU A 105 5.28 27.81 -11.62
CA LEU A 105 5.59 28.99 -12.40
C LEU A 105 6.40 29.97 -11.60
N SER A 106 6.30 29.92 -10.27
CA SER A 106 7.26 30.64 -9.44
C SER A 106 8.65 30.02 -9.59
N CYS A 107 8.71 28.69 -9.69
CA CYS A 107 10.01 28.02 -9.74
C CYS A 107 10.66 28.19 -11.10
N LEU A 108 9.87 28.25 -12.18
CA LEU A 108 10.45 28.51 -13.48
C LEU A 108 10.92 29.94 -13.61
N THR A 109 10.36 30.82 -12.79
CA THR A 109 10.75 32.22 -12.87
C THR A 109 11.75 32.61 -11.80
N PHE A 110 11.96 31.78 -10.78
CA PHE A 110 12.88 32.15 -9.72
C PHE A 110 13.77 31.02 -9.23
N GLY A 111 13.60 29.80 -9.70
CA GLY A 111 14.39 28.70 -9.18
C GLY A 111 13.71 28.03 -8.00
N GLN A 112 14.27 26.88 -7.61
CA GLN A 112 13.72 26.12 -6.50
C GLN A 112 14.03 26.80 -5.17
N HIS A 113 15.26 27.28 -5.01
CA HIS A 113 15.72 27.77 -3.72
C HIS A 113 15.04 29.06 -3.33
N THR A 114 14.58 29.83 -4.32
CA THR A 114 13.85 31.06 -4.02
C THR A 114 12.47 30.73 -3.47
N VAL A 115 11.87 29.64 -3.96
CA VAL A 115 10.54 29.26 -3.53
C VAL A 115 10.56 28.79 -2.08
N GLN A 116 11.59 28.02 -1.72
CA GLN A 116 11.65 27.40 -0.39
C GLN A 116 11.81 28.44 0.70
N GLU A 117 12.61 29.48 0.42
CA GLU A 117 12.72 30.57 1.38
C GLU A 117 11.45 31.40 1.41
N PHE A 118 10.73 31.43 0.30
CA PHE A 118 9.55 32.28 0.22
C PHE A 118 8.41 31.74 1.06
N LEU A 119 8.27 30.42 1.12
CA LEU A 119 7.15 29.85 1.84
C LEU A 119 7.34 29.98 3.34
N VAL A 120 8.58 29.85 3.80
CA VAL A 120 8.84 29.93 5.23
C VAL A 120 8.71 31.35 5.73
N SER A 121 9.28 32.30 4.98
CA SER A 121 9.31 33.69 5.42
C SER A 121 7.92 34.30 5.38
N PHE A 122 7.08 33.85 4.45
CA PHE A 122 5.70 34.29 4.46
C PHE A 122 4.96 33.74 5.66
N GLY A 123 5.33 32.52 6.09
CA GLY A 123 4.73 31.94 7.27
C GLY A 123 5.07 32.72 8.52
N VAL A 124 6.28 33.27 8.58
CA VAL A 124 6.65 34.15 9.69
C VAL A 124 5.81 35.40 9.65
N TRP A 125 5.50 35.89 8.44
CA TRP A 125 4.68 37.07 8.32
C TRP A 125 3.24 36.80 8.75
N ILE A 126 2.71 35.64 8.37
CA ILE A 126 1.30 35.38 8.65
C ILE A 126 1.10 34.94 10.09
N ARG A 127 2.14 34.43 10.75
CA ARG A 127 2.02 34.10 12.15
C ARG A 127 2.20 35.32 13.04
N THR A 128 2.69 36.41 12.51
CA THR A 128 2.80 37.64 13.26
C THR A 128 1.43 38.26 13.42
N PRO A 129 1.07 38.75 14.60
CA PRO A 129 -0.24 39.40 14.78
C PRO A 129 -0.35 40.70 14.01
N ALA A 130 -1.54 41.32 14.10
CA ALA A 130 -1.80 42.53 13.34
C ALA A 130 -0.98 43.75 13.78
N PRO A 131 -0.76 44.03 15.08
CA PRO A 131 0.34 44.94 15.40
C PRO A 131 1.66 44.23 15.28
N TYR A 132 2.74 45.01 15.25
CA TYR A 132 4.12 44.56 15.12
C TYR A 132 4.34 43.78 13.84
N ARG A 133 3.60 44.10 12.79
CA ARG A 133 3.76 43.42 11.52
C ARG A 133 3.86 44.45 10.41
N PRO A 134 4.83 44.32 9.52
CA PRO A 134 4.94 45.26 8.41
C PRO A 134 3.82 45.04 7.42
N PRO A 135 3.25 46.10 6.86
CA PRO A 135 2.22 45.95 5.82
C PRO A 135 2.76 45.41 4.52
N ASN A 136 4.07 45.44 4.31
CA ASN A 136 4.68 44.79 3.17
C ASN A 136 4.80 43.30 3.47
N ALA A 137 3.81 42.53 3.02
CA ALA A 137 3.98 41.10 3.03
C ALA A 137 5.01 40.72 1.98
N PRO A 138 5.86 39.73 2.26
CA PRO A 138 6.96 39.42 1.33
C PRO A 138 6.46 38.82 0.03
N ILE A 139 7.08 39.24 -1.08
CA ILE A 139 6.75 38.77 -2.41
C ILE A 139 8.04 38.39 -3.13
N LEU A 140 7.90 38.05 -4.40
CA LEU A 140 9.02 37.55 -5.18
C LEU A 140 9.79 38.70 -5.83
N SER A 141 11.03 38.42 -6.21
CA SER A 141 11.89 39.39 -6.90
C SER A 141 13.01 38.70 -7.65
N MET B 1 -3.93 28.51 -25.69
CA MET B 1 -3.01 27.43 -26.03
C MET B 1 -3.52 26.10 -25.52
N ASP B 2 -2.96 25.01 -26.03
CA ASP B 2 -3.27 23.67 -25.57
C ASP B 2 -1.99 22.92 -25.28
N ILE B 3 -2.06 21.97 -24.36
CA ILE B 3 -0.89 21.20 -23.94
C ILE B 3 -1.15 19.74 -24.24
N ASP B 4 -0.31 19.16 -25.08
CA ASP B 4 -0.36 17.74 -25.32
C ASP B 4 0.44 17.03 -24.25
N PRO B 5 -0.19 16.19 -23.41
CA PRO B 5 0.55 15.55 -22.31
C PRO B 5 1.51 14.47 -22.75
N TYR B 6 1.56 14.16 -24.04
CA TYR B 6 2.46 13.16 -24.58
C TYR B 6 3.47 13.76 -25.52
N LYS B 7 3.55 15.09 -25.59
CA LYS B 7 4.26 15.76 -26.67
C LYS B 7 5.76 15.58 -26.55
N GLU B 8 6.31 15.83 -25.37
CA GLU B 8 7.75 15.65 -25.22
C GLU B 8 8.14 14.18 -25.12
N PHE B 9 7.18 13.29 -24.85
CA PHE B 9 7.48 11.89 -24.59
C PHE B 9 7.47 11.05 -25.84
N GLY B 10 7.56 11.67 -27.01
CA GLY B 10 7.55 10.94 -28.26
C GLY B 10 6.22 10.30 -28.58
N SER B 11 5.12 10.93 -28.18
CA SER B 11 3.80 10.40 -28.47
C SER B 11 2.85 11.55 -28.76
N SER B 12 1.57 11.25 -28.88
CA SER B 12 0.57 12.26 -29.17
C SER B 12 -0.77 11.78 -28.65
N TYR B 13 -1.63 12.75 -28.36
CA TYR B 13 -2.99 12.41 -27.96
C TYR B 13 -3.75 11.79 -29.11
N GLN B 14 -3.43 12.19 -30.34
CA GLN B 14 -4.07 11.60 -31.50
C GLN B 14 -3.63 10.15 -31.70
N LEU B 15 -2.42 9.82 -31.27
CA LEU B 15 -2.01 8.41 -31.28
C LEU B 15 -2.81 7.63 -30.25
N LEU B 16 -3.11 8.23 -29.11
CA LEU B 16 -3.83 7.53 -28.06
C LEU B 16 -5.29 7.32 -28.42
N ASN B 17 -5.81 8.07 -29.39
CA ASN B 17 -7.20 7.96 -29.75
C ASN B 17 -7.52 6.76 -30.61
N PHE B 18 -6.52 5.97 -31.00
CA PHE B 18 -6.78 4.70 -31.67
C PHE B 18 -6.99 3.56 -30.69
N LEU B 19 -7.13 3.86 -29.41
CA LEU B 19 -7.38 2.84 -28.41
C LEU B 19 -8.86 2.83 -28.07
N PRO B 20 -9.54 1.70 -28.21
CA PRO B 20 -10.94 1.63 -27.81
C PRO B 20 -11.10 1.62 -26.31
N LEU B 21 -12.36 1.70 -25.87
CA LEU B 21 -12.71 1.71 -24.45
C LEU B 21 -12.34 0.39 -23.79
N ASP B 22 -12.56 -0.72 -24.51
CA ASP B 22 -12.33 -2.05 -23.96
C ASP B 22 -10.86 -2.36 -23.73
N PHE B 23 -9.98 -1.57 -24.34
CA PHE B 23 -8.56 -1.82 -24.18
C PHE B 23 -8.08 -1.47 -22.77
N PHE B 24 -8.55 -0.35 -22.24
CA PHE B 24 -8.00 0.12 -20.99
C PHE B 24 -8.56 -0.66 -19.81
N PRO B 25 -7.74 -0.98 -18.83
CA PRO B 25 -8.27 -1.44 -17.55
C PRO B 25 -8.90 -0.26 -16.81
N ASP B 26 -9.74 -0.59 -15.84
CA ASP B 26 -10.49 0.45 -15.16
C ASP B 26 -9.67 1.19 -14.12
N LEU B 27 -10.32 2.06 -13.38
CA LEU B 27 -9.65 2.98 -12.48
C LEU B 27 -9.07 2.26 -11.27
N ASN B 28 -9.89 1.41 -10.64
CA ASN B 28 -9.50 0.79 -9.38
C ASN B 28 -8.38 -0.22 -9.57
N ALA B 29 -8.25 -0.75 -10.79
CA ALA B 29 -7.07 -1.54 -11.11
C ALA B 29 -5.83 -0.70 -11.12
N LEU B 30 -5.90 0.46 -11.78
CA LEU B 30 -4.71 1.26 -11.99
C LEU B 30 -4.32 2.00 -10.73
N VAL B 31 -5.29 2.30 -9.87
CA VAL B 31 -4.96 2.79 -8.53
C VAL B 31 -4.21 1.72 -7.76
N ASP B 32 -4.69 0.47 -7.82
CA ASP B 32 -4.00 -0.62 -7.15
C ASP B 32 -2.68 -0.94 -7.84
N THR B 33 -2.60 -0.66 -9.15
CA THR B 33 -1.39 -0.97 -9.90
C THR B 33 -0.24 -0.11 -9.44
N ALA B 34 -0.48 1.20 -9.29
CA ALA B 34 0.55 2.07 -8.76
C ALA B 34 0.75 1.83 -7.27
N THR B 35 -0.25 1.24 -6.61
CA THR B 35 -0.16 1.01 -5.17
C THR B 35 0.88 -0.05 -4.85
N ALA B 36 0.71 -1.25 -5.42
CA ALA B 36 1.59 -2.35 -5.08
C ALA B 36 2.96 -2.18 -5.74
N LEU B 37 2.99 -1.66 -6.96
CA LEU B 37 4.25 -1.56 -7.67
C LEU B 37 5.14 -0.44 -7.17
N TYR B 38 4.68 0.80 -7.24
CA TYR B 38 5.61 1.91 -7.13
C TYR B 38 5.37 2.71 -5.87
N GLU B 39 5.07 2.04 -4.76
CA GLU B 39 4.73 2.70 -3.51
C GLU B 39 5.89 3.54 -2.97
N GLU B 40 7.08 2.96 -2.96
CA GLU B 40 8.25 3.73 -2.57
C GLU B 40 8.64 4.73 -3.65
N GLU B 41 8.28 4.44 -4.91
CA GLU B 41 8.68 5.32 -5.99
C GLU B 41 7.81 6.56 -6.05
N LEU B 42 6.55 6.45 -5.64
CA LEU B 42 5.68 7.61 -5.70
C LEU B 42 5.76 8.45 -4.44
N THR B 43 5.94 7.81 -3.30
CA THR B 43 6.13 8.52 -2.04
C THR B 43 7.56 9.00 -1.85
N GLY B 44 8.45 8.67 -2.78
CA GLY B 44 9.86 8.97 -2.60
C GLY B 44 10.18 10.44 -2.70
N ARG B 45 11.33 10.81 -2.14
CA ARG B 45 11.80 12.17 -2.13
C ARG B 45 12.45 12.59 -3.44
N GLU B 46 12.65 11.66 -4.36
CA GLU B 46 13.64 11.85 -5.40
C GLU B 46 13.07 12.44 -6.67
N HIS B 47 13.96 13.11 -7.42
CA HIS B 47 13.62 13.65 -8.72
C HIS B 47 13.65 12.57 -9.79
N CYS B 48 12.82 11.55 -9.65
CA CYS B 48 12.80 10.41 -10.55
C CYS B 48 12.29 10.85 -11.92
N SER B 49 12.45 9.99 -12.94
CA SER B 49 12.14 10.30 -14.34
C SER B 49 10.68 10.70 -14.47
N PRO B 50 10.38 11.67 -15.35
CA PRO B 50 9.08 12.38 -15.26
C PRO B 50 7.85 11.52 -15.50
N HIS B 51 8.03 10.27 -15.95
CA HIS B 51 6.94 9.32 -15.96
C HIS B 51 6.46 9.01 -14.55
N HIS B 52 7.36 9.07 -13.56
CA HIS B 52 6.93 9.10 -12.17
C HIS B 52 6.09 10.33 -11.91
N THR B 53 6.56 11.48 -12.40
CA THR B 53 6.02 12.77 -11.99
C THR B 53 4.62 12.97 -12.53
N ALA B 54 4.37 12.51 -13.75
CA ALA B 54 3.03 12.60 -14.31
C ALA B 54 2.06 11.72 -13.55
N ILE B 55 2.52 10.56 -13.09
CA ILE B 55 1.71 9.73 -12.21
C ILE B 55 1.49 10.44 -10.89
N ARG B 56 2.52 11.14 -10.40
CA ARG B 56 2.39 11.91 -9.17
C ARG B 56 1.42 13.06 -9.35
N GLN B 57 1.29 13.59 -10.56
CA GLN B 57 0.31 14.63 -10.80
C GLN B 57 -1.07 14.04 -11.00
N ALA B 58 -1.15 12.85 -11.61
CA ALA B 58 -2.45 12.33 -12.04
C ALA B 58 -3.26 11.82 -10.85
N LEU B 59 -2.58 11.26 -9.86
CA LEU B 59 -3.31 10.70 -8.73
C LEU B 59 -3.91 11.80 -7.86
N VAL B 60 -3.15 12.87 -7.64
CA VAL B 60 -3.65 14.02 -6.89
C VAL B 60 -4.78 14.68 -7.66
N CYS B 61 -4.64 14.72 -8.98
CA CYS B 61 -5.75 15.15 -9.84
C CYS B 61 -6.94 14.21 -9.70
N TRP B 62 -6.68 12.91 -9.51
CA TRP B 62 -7.78 11.96 -9.46
C TRP B 62 -8.54 12.05 -8.15
N ASP B 63 -7.85 12.37 -7.05
CA ASP B 63 -8.46 12.27 -5.74
C ASP B 63 -9.46 13.40 -5.51
N GLU B 64 -9.40 14.46 -6.31
CA GLU B 64 -10.41 15.50 -6.24
C GLU B 64 -11.75 14.98 -6.74
N LEU B 65 -11.72 14.06 -7.70
CA LEU B 65 -12.97 13.59 -8.28
C LEU B 65 -13.67 12.62 -7.34
N THR B 66 -12.89 11.87 -6.56
CA THR B 66 -13.45 11.06 -5.50
C THR B 66 -14.08 11.94 -4.43
N LYS B 67 -13.42 13.06 -4.12
CA LYS B 67 -14.01 14.04 -3.22
C LYS B 67 -15.25 14.69 -3.82
N LEU B 68 -15.29 14.81 -5.14
CA LEU B 68 -16.40 15.51 -5.79
C LEU B 68 -17.67 14.69 -5.77
N ILE B 69 -17.55 13.41 -6.12
CA ILE B 69 -18.73 12.57 -6.21
C ILE B 69 -19.27 12.22 -4.82
N ALA B 70 -18.38 12.19 -3.81
CA ALA B 70 -18.84 11.95 -2.45
C ALA B 70 -19.48 13.19 -1.87
N TRP B 71 -19.14 14.36 -2.42
CA TRP B 71 -19.71 15.60 -1.92
C TRP B 71 -21.14 15.78 -2.38
N MET B 72 -21.35 15.86 -3.69
CA MET B 72 -22.65 16.26 -4.22
C MET B 72 -23.71 15.19 -4.07
N SER B 73 -23.32 13.94 -3.81
CA SER B 73 -24.29 12.89 -3.56
C SER B 73 -25.02 13.13 -2.25
N SER B 74 -24.26 13.42 -1.19
CA SER B 74 -24.84 13.67 0.12
C SER B 74 -25.42 15.08 0.24
N ASN B 75 -25.09 15.98 -0.66
CA ASN B 75 -25.39 17.39 -0.46
C ASN B 75 -26.55 17.89 -1.31
N ILE B 76 -26.45 17.77 -2.63
CA ILE B 76 -27.40 18.46 -3.50
C ILE B 76 -28.15 17.51 -4.44
N THR B 77 -27.46 16.53 -4.99
CA THR B 77 -27.95 15.88 -6.21
C THR B 77 -29.07 14.89 -5.92
N SER B 78 -29.98 14.79 -6.89
CA SER B 78 -30.97 13.73 -6.93
C SER B 78 -30.34 12.47 -7.50
N GLU B 79 -31.19 11.49 -7.81
CA GLU B 79 -30.66 10.25 -8.38
C GLU B 79 -30.24 10.43 -9.83
N GLN B 80 -31.19 10.81 -10.69
CA GLN B 80 -30.90 10.87 -12.12
C GLN B 80 -30.05 12.09 -12.46
N VAL B 81 -30.06 13.11 -11.60
CA VAL B 81 -29.18 14.26 -11.79
C VAL B 81 -27.73 13.84 -11.59
N ARG B 82 -27.46 13.12 -10.51
CA ARG B 82 -26.13 12.61 -10.25
C ARG B 82 -25.74 11.53 -11.25
N THR B 83 -26.72 10.80 -11.77
CA THR B 83 -26.45 9.62 -12.60
C THR B 83 -25.78 10.00 -13.91
N ILE B 84 -26.26 11.05 -14.56
CA ILE B 84 -25.69 11.45 -15.84
C ILE B 84 -24.34 12.14 -15.63
N ILE B 85 -24.20 12.86 -14.52
CA ILE B 85 -22.96 13.60 -14.27
C ILE B 85 -21.82 12.64 -13.97
N VAL B 86 -22.07 11.67 -13.08
CA VAL B 86 -21.02 10.75 -12.65
C VAL B 86 -20.59 9.83 -13.78
N ASN B 87 -21.56 9.34 -14.56
CA ASN B 87 -21.24 8.41 -15.63
C ASN B 87 -20.49 9.10 -16.77
N HIS B 88 -20.83 10.36 -17.04
CA HIS B 88 -20.13 11.10 -18.08
C HIS B 88 -18.72 11.46 -17.65
N VAL B 89 -18.56 11.86 -16.39
CA VAL B 89 -17.23 12.25 -15.92
C VAL B 89 -16.38 11.00 -15.70
N ASN B 90 -17.02 9.84 -15.55
CA ASN B 90 -16.27 8.60 -15.52
C ASN B 90 -15.74 8.28 -16.90
N ASP B 91 -16.50 8.60 -17.95
CA ASP B 91 -16.17 8.12 -19.28
C ASP B 91 -15.41 9.15 -20.11
N THR B 92 -15.37 10.41 -19.69
CA THR B 92 -14.63 11.42 -20.43
C THR B 92 -13.38 11.86 -19.67
N TRP B 93 -13.55 12.25 -18.42
CA TRP B 93 -12.44 12.70 -17.60
C TRP B 93 -11.50 11.54 -17.26
N GLY B 94 -12.04 10.52 -16.59
CA GLY B 94 -11.19 9.45 -16.08
C GLY B 94 -10.67 8.54 -17.17
N LEU B 95 -11.31 8.54 -18.33
CA LEU B 95 -10.76 7.82 -19.47
C LEU B 95 -9.42 8.40 -19.89
N LYS B 96 -9.33 9.73 -19.91
CA LYS B 96 -8.06 10.40 -20.13
C LYS B 96 -7.07 10.07 -19.02
N VAL B 97 -7.57 9.93 -17.79
CA VAL B 97 -6.74 9.44 -16.70
C VAL B 97 -6.37 7.98 -16.93
N ARG B 98 -7.32 7.19 -17.40
CA ARG B 98 -7.04 5.79 -17.72
C ARG B 98 -6.09 5.68 -18.91
N GLN B 99 -6.08 6.69 -19.79
CA GLN B 99 -5.01 6.77 -20.77
C GLN B 99 -3.67 7.03 -20.09
N SER B 100 -3.62 8.05 -19.24
CA SER B 100 -2.34 8.52 -18.72
C SER B 100 -1.76 7.55 -17.71
N LEU B 101 -2.63 6.94 -16.90
CA LEU B 101 -2.17 5.94 -15.95
C LEU B 101 -1.61 4.72 -16.67
N TRP B 102 -2.29 4.28 -17.73
CA TRP B 102 -1.81 3.14 -18.49
C TRP B 102 -0.49 3.46 -19.19
N PHE B 103 -0.31 4.72 -19.56
CA PHE B 103 0.85 5.12 -20.35
C PHE B 103 2.12 5.06 -19.53
N HIS B 104 2.19 5.86 -18.46
CA HIS B 104 3.44 6.06 -17.78
C HIS B 104 3.84 4.85 -16.94
N LEU B 105 2.86 4.03 -16.55
CA LEU B 105 3.18 2.80 -15.84
C LEU B 105 3.92 1.84 -16.74
N SER B 106 3.51 1.73 -18.00
CA SER B 106 4.23 0.88 -18.92
C SER B 106 5.57 1.49 -19.28
N CYS B 107 5.64 2.82 -19.32
CA CYS B 107 6.91 3.49 -19.58
C CYS B 107 7.90 3.27 -18.45
N LEU B 108 7.39 3.16 -17.22
CA LEU B 108 8.27 2.81 -16.12
C LEU B 108 8.50 1.31 -16.03
N THR B 109 7.71 0.53 -16.76
CA THR B 109 7.92 -0.91 -16.69
C THR B 109 8.68 -1.41 -17.92
N PHE B 110 8.52 -0.74 -19.06
CA PHE B 110 9.09 -1.24 -20.30
C PHE B 110 9.84 -0.19 -21.10
N GLY B 111 9.79 1.07 -20.72
CA GLY B 111 10.48 2.09 -21.47
C GLY B 111 9.68 2.59 -22.65
N GLN B 112 9.73 3.90 -22.88
CA GLN B 112 8.83 4.53 -23.84
C GLN B 112 9.18 4.16 -25.27
N HIS B 113 10.43 3.76 -25.53
CA HIS B 113 10.78 3.24 -26.86
C HIS B 113 10.04 1.95 -27.15
N THR B 114 9.82 1.14 -26.13
CA THR B 114 9.01 -0.06 -26.31
C THR B 114 7.53 0.32 -26.42
N VAL B 115 7.14 1.42 -25.80
CA VAL B 115 5.74 1.81 -25.78
C VAL B 115 5.29 2.27 -27.16
N GLN B 116 6.14 3.05 -27.84
CA GLN B 116 5.79 3.60 -29.15
C GLN B 116 5.60 2.51 -30.18
N GLU B 117 6.55 1.58 -30.26
CA GLU B 117 6.47 0.49 -31.23
C GLU B 117 5.32 -0.45 -30.90
N PHE B 118 4.93 -0.51 -29.62
CA PHE B 118 3.72 -1.23 -29.27
C PHE B 118 2.48 -0.54 -29.83
N LEU B 119 2.42 0.78 -29.68
CA LEU B 119 1.19 1.48 -30.03
C LEU B 119 1.06 1.66 -31.52
N VAL B 120 2.19 1.80 -32.23
CA VAL B 120 2.14 1.91 -33.68
C VAL B 120 1.68 0.59 -34.27
N SER B 121 2.23 -0.52 -33.79
CA SER B 121 1.85 -1.83 -34.30
C SER B 121 0.42 -2.17 -33.93
N PHE B 122 -0.03 -1.71 -32.76
CA PHE B 122 -1.45 -1.87 -32.43
C PHE B 122 -2.30 -0.96 -33.28
N GLY B 123 -1.75 0.19 -33.68
CA GLY B 123 -2.43 1.03 -34.64
C GLY B 123 -2.69 0.30 -35.93
N VAL B 124 -1.63 -0.21 -36.54
CA VAL B 124 -1.70 -0.88 -37.85
C VAL B 124 -2.61 -2.11 -37.79
N TRP B 125 -2.69 -2.74 -36.61
CA TRP B 125 -3.72 -3.74 -36.39
C TRP B 125 -5.11 -3.12 -36.42
N ILE B 126 -5.31 -2.02 -35.69
CA ILE B 126 -6.67 -1.49 -35.60
C ILE B 126 -6.95 -0.54 -36.75
N ARG B 127 -5.92 -0.11 -37.49
CA ARG B 127 -6.19 0.64 -38.71
C ARG B 127 -6.80 -0.24 -39.79
N THR B 128 -6.51 -1.52 -39.79
CA THR B 128 -7.14 -2.43 -40.73
C THR B 128 -8.44 -2.95 -40.15
N PRO B 129 -9.41 -3.29 -40.99
CA PRO B 129 -10.63 -3.93 -40.48
C PRO B 129 -10.37 -5.34 -40.00
N ALA B 130 -11.35 -5.86 -39.26
CA ALA B 130 -11.31 -7.24 -38.76
C ALA B 130 -11.09 -8.33 -39.82
N PRO B 131 -11.69 -8.32 -41.02
CA PRO B 131 -11.36 -9.40 -41.98
C PRO B 131 -10.00 -9.24 -42.63
N TYR B 132 -9.20 -8.25 -42.23
CA TYR B 132 -7.86 -8.10 -42.75
C TYR B 132 -6.86 -7.85 -41.62
N ARG B 133 -7.07 -8.50 -40.50
CA ARG B 133 -6.14 -8.46 -39.38
C ARG B 133 -6.22 -9.78 -38.65
N PRO B 134 -5.18 -10.17 -37.93
CA PRO B 134 -5.28 -11.35 -37.08
C PRO B 134 -6.29 -11.11 -35.98
N PRO B 135 -7.01 -12.16 -35.56
CA PRO B 135 -8.08 -11.96 -34.58
C PRO B 135 -7.57 -11.70 -33.17
N ASN B 136 -6.28 -11.86 -32.92
CA ASN B 136 -5.69 -11.49 -31.66
C ASN B 136 -4.92 -10.19 -31.86
N ALA B 137 -5.25 -9.20 -31.05
CA ALA B 137 -4.57 -7.92 -31.08
C ALA B 137 -3.15 -8.06 -30.56
N PRO B 138 -2.26 -7.13 -30.91
CA PRO B 138 -0.91 -7.17 -30.34
C PRO B 138 -0.90 -6.91 -28.85
N ILE B 139 -0.03 -7.65 -28.15
CA ILE B 139 0.15 -7.59 -26.71
C ILE B 139 1.64 -7.39 -26.46
N LEU B 140 2.05 -7.60 -25.20
CA LEU B 140 3.40 -7.33 -24.69
C LEU B 140 3.70 -5.85 -24.81
N MET C 1 3.27 -0.20 17.02
CA MET C 1 3.66 -0.33 15.62
C MET C 1 2.93 -1.49 14.95
N ASP C 2 2.80 -1.41 13.64
CA ASP C 2 2.24 -2.51 12.86
C ASP C 2 3.14 -2.81 11.66
N ILE C 3 4.01 -3.79 11.84
CA ILE C 3 5.03 -4.11 10.85
C ILE C 3 4.43 -4.95 9.74
N ASP C 4 5.04 -4.86 8.56
CA ASP C 4 4.73 -5.75 7.45
C ASP C 4 5.92 -6.66 7.22
N PRO C 5 5.73 -7.98 7.30
CA PRO C 5 6.90 -8.89 7.33
C PRO C 5 7.60 -9.00 6.00
N TYR C 6 6.94 -8.60 4.92
CA TYR C 6 7.44 -8.84 3.59
C TYR C 6 8.51 -7.83 3.19
N LYS C 7 8.71 -6.82 4.04
CA LYS C 7 9.60 -5.72 3.70
C LYS C 7 11.05 -6.16 3.66
N GLU C 8 11.46 -7.09 4.53
CA GLU C 8 12.83 -7.55 4.48
C GLU C 8 13.02 -8.63 3.43
N PHE C 9 11.93 -9.08 2.83
CA PHE C 9 11.97 -10.19 1.89
C PHE C 9 12.06 -9.72 0.45
N GLY C 10 12.45 -8.46 0.22
CA GLY C 10 12.47 -7.91 -1.11
C GLY C 10 11.09 -7.76 -1.72
N SER C 11 10.09 -7.56 -0.89
CA SER C 11 8.71 -7.48 -1.36
C SER C 11 7.94 -6.53 -0.44
N SER C 12 6.62 -6.52 -0.57
CA SER C 12 5.81 -5.71 0.32
C SER C 12 4.51 -6.43 0.61
N TYR C 13 3.83 -5.97 1.64
CA TYR C 13 2.54 -6.54 1.99
C TYR C 13 1.47 -6.18 0.97
N GLN C 14 1.67 -5.06 0.27
CA GLN C 14 0.71 -4.67 -0.76
C GLN C 14 0.83 -5.54 -2.01
N LEU C 15 2.01 -6.14 -2.21
CA LEU C 15 2.17 -7.07 -3.33
C LEU C 15 1.31 -8.30 -3.15
N LEU C 16 1.09 -8.71 -1.90
CA LEU C 16 0.26 -9.87 -1.65
C LEU C 16 -1.19 -9.56 -1.95
N ASN C 17 -1.65 -8.37 -1.59
CA ASN C 17 -3.06 -8.05 -1.75
C ASN C 17 -3.39 -7.50 -3.12
N PHE C 18 -2.40 -7.37 -4.00
CA PHE C 18 -2.71 -6.97 -5.36
C PHE C 18 -3.36 -8.09 -6.15
N LEU C 19 -3.11 -9.32 -5.76
CA LEU C 19 -3.71 -10.46 -6.42
C LEU C 19 -5.19 -10.57 -6.03
N PRO C 20 -6.01 -11.17 -6.89
CA PRO C 20 -7.38 -11.50 -6.48
C PRO C 20 -7.36 -12.55 -5.38
N LEU C 21 -8.38 -12.48 -4.53
CA LEU C 21 -8.34 -13.26 -3.31
C LEU C 21 -8.71 -14.71 -3.54
N ASP C 22 -9.36 -15.03 -4.66
CA ASP C 22 -9.64 -16.41 -5.02
C ASP C 22 -8.38 -17.16 -5.43
N PHE C 23 -7.33 -16.44 -5.81
CA PHE C 23 -6.13 -17.07 -6.36
C PHE C 23 -5.39 -17.90 -5.33
N PHE C 24 -5.49 -17.54 -4.06
CA PHE C 24 -4.72 -18.23 -3.04
C PHE C 24 -5.31 -19.60 -2.77
N PRO C 25 -4.51 -20.66 -2.79
CA PRO C 25 -5.06 -22.01 -2.82
C PRO C 25 -5.62 -22.41 -1.47
N ASP C 26 -6.34 -23.53 -1.46
CA ASP C 26 -6.90 -24.02 -0.21
C ASP C 26 -5.81 -24.54 0.72
N LEU C 27 -6.02 -24.30 2.01
CA LEU C 27 -4.92 -24.34 2.96
C LEU C 27 -4.48 -25.76 3.27
N ASN C 28 -5.40 -26.72 3.19
CA ASN C 28 -5.07 -28.10 3.45
C ASN C 28 -4.13 -28.65 2.37
N ALA C 29 -4.27 -28.15 1.14
CA ALA C 29 -3.33 -28.51 0.10
C ALA C 29 -2.00 -27.80 0.29
N LEU C 30 -2.03 -26.63 0.93
CA LEU C 30 -0.80 -25.86 1.11
C LEU C 30 0.10 -26.48 2.16
N VAL C 31 -0.51 -27.07 3.20
CA VAL C 31 0.27 -27.71 4.26
C VAL C 31 0.99 -28.93 3.71
N ASP C 32 0.30 -29.69 2.86
CA ASP C 32 0.86 -30.95 2.37
C ASP C 32 1.99 -30.69 1.38
N THR C 33 1.99 -29.51 0.76
CA THR C 33 3.02 -29.18 -0.21
C THR C 33 4.38 -29.02 0.48
N ALA C 34 4.41 -28.28 1.59
CA ALA C 34 5.63 -28.17 2.36
C ALA C 34 6.00 -29.51 2.99
N THR C 35 4.99 -30.31 3.31
CA THR C 35 5.22 -31.65 3.82
C THR C 35 5.88 -32.52 2.75
N ALA C 36 5.40 -32.40 1.52
CA ALA C 36 5.93 -33.24 0.45
C ALA C 36 7.29 -32.77 -0.01
N LEU C 37 7.67 -31.54 0.32
CA LEU C 37 8.91 -31.00 -0.18
C LEU C 37 9.93 -30.71 0.90
N TYR C 38 9.50 -30.17 2.04
CA TYR C 38 10.44 -29.48 2.90
C TYR C 38 10.45 -30.02 4.32
N GLU C 39 10.04 -31.28 4.52
CA GLU C 39 9.87 -31.82 5.86
C GLU C 39 11.19 -31.95 6.59
N GLU C 40 12.28 -32.11 5.84
CA GLU C 40 13.59 -32.21 6.48
C GLU C 40 14.11 -30.84 6.86
N GLU C 41 13.76 -29.83 6.08
CA GLU C 41 14.27 -28.49 6.38
C GLU C 41 13.42 -27.81 7.43
N LEU C 42 12.13 -28.13 7.48
CA LEU C 42 11.27 -27.49 8.47
C LEU C 42 11.46 -28.09 9.85
N THR C 43 12.01 -29.30 9.93
CA THR C 43 12.23 -29.96 11.20
C THR C 43 13.71 -30.00 11.60
N GLY C 44 14.60 -29.58 10.71
CA GLY C 44 16.02 -29.71 10.95
C GLY C 44 16.57 -28.64 11.88
N ARG C 45 17.88 -28.72 12.11
CA ARG C 45 18.59 -27.78 12.97
C ARG C 45 18.98 -26.51 12.25
N GLU C 46 18.73 -26.42 10.96
CA GLU C 46 19.50 -25.54 10.11
C GLU C 46 18.92 -24.14 10.05
N HIS C 47 19.81 -23.15 10.00
CA HIS C 47 19.44 -21.74 9.98
C HIS C 47 19.06 -21.27 8.59
N CYS C 48 18.67 -22.19 7.69
CA CYS C 48 18.55 -21.95 6.25
C CYS C 48 17.54 -20.85 5.97
N SER C 49 17.66 -20.21 4.78
CA SER C 49 17.19 -18.88 4.38
C SER C 49 15.82 -18.55 4.95
N PRO C 50 15.70 -17.41 5.65
CA PRO C 50 14.63 -17.23 6.65
C PRO C 50 13.20 -17.27 6.13
N HIS C 51 13.03 -17.42 4.82
CA HIS C 51 11.75 -17.87 4.30
C HIS C 51 11.43 -19.28 4.76
N HIS C 52 12.46 -20.07 5.06
CA HIS C 52 12.28 -21.26 5.89
C HIS C 52 11.59 -20.92 7.21
N THR C 53 12.06 -19.85 7.86
CA THR C 53 11.71 -19.62 9.26
C THR C 53 10.25 -19.21 9.42
N ALA C 54 9.75 -18.41 8.48
CA ALA C 54 8.38 -17.92 8.57
C ALA C 54 7.38 -19.05 8.37
N ILE C 55 7.76 -20.08 7.62
CA ILE C 55 6.90 -21.25 7.44
C ILE C 55 6.71 -21.96 8.77
N ARG C 56 7.77 -22.03 9.57
CA ARG C 56 7.71 -22.65 10.89
C ARG C 56 6.74 -21.88 11.79
N GLN C 57 6.77 -20.56 11.69
CA GLN C 57 5.95 -19.74 12.58
C GLN C 57 4.47 -19.86 12.23
N ALA C 58 4.16 -19.95 10.95
CA ALA C 58 2.77 -19.95 10.52
C ALA C 58 2.08 -21.25 10.90
N LEU C 59 2.81 -22.37 10.80
CA LEU C 59 2.20 -23.64 11.14
C LEU C 59 2.01 -23.78 12.64
N VAL C 60 2.92 -23.19 13.42
CA VAL C 60 2.70 -23.09 14.86
C VAL C 60 1.51 -22.18 15.13
N CYS C 61 1.39 -21.10 14.36
CA CYS C 61 0.24 -20.21 14.46
C CYS C 61 -1.04 -20.93 14.07
N TRP C 62 -0.99 -21.75 13.03
CA TRP C 62 -2.23 -22.29 12.49
C TRP C 62 -2.81 -23.38 13.39
N ASP C 63 -1.94 -24.20 13.98
CA ASP C 63 -2.42 -25.40 14.68
C ASP C 63 -3.13 -25.04 15.97
N GLU C 64 -2.66 -24.01 16.65
CA GLU C 64 -3.29 -23.62 17.91
C GLU C 64 -4.63 -22.95 17.66
N LEU C 65 -4.80 -22.35 16.47
CA LEU C 65 -6.12 -21.89 16.06
C LEU C 65 -7.04 -23.07 15.84
N THR C 66 -6.52 -24.10 15.17
CA THR C 66 -7.27 -25.33 14.98
C THR C 66 -7.58 -26.00 16.31
N LYS C 67 -6.64 -25.90 17.26
CA LYS C 67 -6.93 -26.33 18.63
C LYS C 67 -8.01 -25.45 19.26
N LEU C 68 -7.96 -24.15 18.99
CA LEU C 68 -8.95 -23.24 19.54
C LEU C 68 -10.32 -23.48 18.92
N ILE C 69 -10.37 -23.74 17.62
CA ILE C 69 -11.62 -24.09 16.97
C ILE C 69 -12.14 -25.42 17.50
N ALA C 70 -11.24 -26.37 17.72
CA ALA C 70 -11.66 -27.65 18.30
C ALA C 70 -11.98 -27.50 19.78
N TRP C 71 -11.50 -26.43 20.41
CA TRP C 71 -11.79 -26.22 21.82
C TRP C 71 -13.25 -25.81 22.02
N MET C 72 -13.64 -24.66 21.47
CA MET C 72 -14.95 -24.09 21.76
C MET C 72 -16.08 -24.83 21.05
N SER C 73 -15.78 -25.59 20.00
CA SER C 73 -16.81 -26.35 19.31
C SER C 73 -17.32 -27.49 20.18
N SER C 74 -16.40 -28.24 20.77
CA SER C 74 -16.77 -29.41 21.54
C SER C 74 -17.20 -29.07 22.96
N ASN C 75 -17.00 -27.85 23.41
CA ASN C 75 -17.18 -27.55 24.82
C ASN C 75 -18.39 -26.66 25.11
N ILE C 76 -18.43 -25.46 24.54
CA ILE C 76 -19.32 -24.42 25.03
C ILE C 76 -20.25 -23.87 23.96
N THR C 77 -19.76 -23.65 22.75
CA THR C 77 -20.36 -22.68 21.86
C THR C 77 -21.54 -23.29 21.11
N SER C 78 -22.64 -22.54 21.05
CA SER C 78 -23.80 -22.94 20.27
C SER C 78 -23.45 -22.95 18.79
N GLU C 79 -24.22 -23.72 18.03
CA GLU C 79 -23.78 -24.11 16.69
C GLU C 79 -23.91 -22.99 15.68
N GLN C 80 -24.97 -22.18 15.78
CA GLN C 80 -25.03 -21.02 14.89
C GLN C 80 -24.13 -19.90 15.38
N VAL C 81 -23.69 -19.99 16.63
CA VAL C 81 -22.76 -18.99 17.17
C VAL C 81 -21.34 -19.30 16.71
N ARG C 82 -20.94 -20.58 16.76
CA ARG C 82 -19.59 -20.95 16.37
C ARG C 82 -19.39 -20.87 14.87
N THR C 83 -20.48 -21.01 14.10
CA THR C 83 -20.37 -21.06 12.65
C THR C 83 -19.96 -19.69 12.09
N ILE C 84 -20.38 -18.62 12.77
CA ILE C 84 -19.99 -17.28 12.37
C ILE C 84 -18.50 -17.06 12.61
N ILE C 85 -17.98 -17.67 13.67
CA ILE C 85 -16.57 -17.47 14.01
C ILE C 85 -15.68 -18.29 13.10
N VAL C 86 -16.04 -19.55 12.86
CA VAL C 86 -15.23 -20.47 12.06
C VAL C 86 -15.16 -20.00 10.62
N ASN C 87 -16.27 -19.46 10.11
CA ASN C 87 -16.26 -18.83 8.79
C ASN C 87 -15.37 -17.60 8.79
N HIS C 88 -15.36 -16.85 9.90
CA HIS C 88 -14.65 -15.58 9.92
C HIS C 88 -13.14 -15.80 10.00
N VAL C 89 -12.72 -16.79 10.81
CA VAL C 89 -11.30 -16.98 11.01
C VAL C 89 -10.64 -17.59 9.78
N ASN C 90 -11.41 -18.33 8.98
CA ASN C 90 -10.89 -18.81 7.71
C ASN C 90 -10.73 -17.66 6.73
N ASP C 91 -11.72 -16.77 6.70
CA ASP C 91 -11.69 -15.63 5.80
C ASP C 91 -10.70 -14.56 6.24
N THR C 92 -10.30 -14.56 7.51
CA THR C 92 -9.41 -13.51 7.96
C THR C 92 -8.01 -14.03 8.26
N TRP C 93 -7.86 -14.97 9.20
CA TRP C 93 -6.51 -15.39 9.55
C TRP C 93 -5.97 -16.34 8.51
N GLY C 94 -6.78 -17.31 8.11
CA GLY C 94 -6.33 -18.30 7.14
C GLY C 94 -6.02 -17.68 5.80
N LEU C 95 -6.71 -16.59 5.46
CA LEU C 95 -6.36 -15.81 4.28
C LEU C 95 -4.98 -15.21 4.43
N LYS C 96 -4.65 -14.71 5.63
CA LYS C 96 -3.29 -14.24 5.88
C LYS C 96 -2.32 -15.40 5.86
N VAL C 97 -2.75 -16.56 6.33
CA VAL C 97 -1.93 -17.76 6.24
C VAL C 97 -1.78 -18.17 4.77
N ARG C 98 -2.87 -18.06 4.01
CA ARG C 98 -2.77 -18.28 2.57
C ARG C 98 -1.98 -17.18 1.90
N GLN C 99 -1.99 -15.96 2.47
CA GLN C 99 -1.01 -14.98 2.04
C GLN C 99 0.39 -15.38 2.45
N SER C 100 0.50 -16.02 3.62
CA SER C 100 1.83 -16.33 4.15
C SER C 100 2.44 -17.52 3.43
N LEU C 101 1.75 -18.66 3.48
CA LEU C 101 2.37 -19.92 3.08
C LEU C 101 2.60 -19.98 1.59
N TRP C 102 1.72 -19.34 0.82
CA TRP C 102 1.88 -19.36 -0.63
C TRP C 102 3.09 -18.54 -1.05
N PHE C 103 3.42 -17.50 -0.27
CA PHE C 103 4.52 -16.64 -0.65
C PHE C 103 5.85 -17.35 -0.46
N HIS C 104 6.01 -18.06 0.64
CA HIS C 104 7.31 -18.64 0.94
C HIS C 104 7.52 -19.93 0.17
N LEU C 105 6.46 -20.73 0.02
CA LEU C 105 6.59 -21.97 -0.73
C LEU C 105 6.84 -21.70 -2.20
N SER C 106 6.32 -20.59 -2.71
CA SER C 106 6.72 -20.15 -4.04
C SER C 106 8.17 -19.68 -4.03
N CYS C 107 8.59 -19.07 -2.92
CA CYS C 107 9.94 -18.52 -2.85
C CYS C 107 10.99 -19.61 -2.79
N LEU C 108 10.72 -20.68 -2.05
CA LEU C 108 11.71 -21.76 -1.97
C LEU C 108 11.71 -22.59 -3.23
N THR C 109 10.55 -22.79 -3.83
CA THR C 109 10.49 -23.63 -5.02
C THR C 109 10.90 -22.89 -6.27
N PHE C 110 10.91 -21.56 -6.27
CA PHE C 110 11.22 -20.85 -7.51
C PHE C 110 12.12 -19.65 -7.34
N GLY C 111 12.67 -19.40 -6.16
CA GLY C 111 13.57 -18.29 -6.00
C GLY C 111 12.86 -17.03 -5.54
N GLN C 112 13.66 -16.08 -5.04
CA GLN C 112 13.12 -14.83 -4.54
C GLN C 112 12.60 -13.95 -5.67
N HIS C 113 13.47 -13.66 -6.65
CA HIS C 113 13.18 -12.66 -7.65
C HIS C 113 12.11 -13.11 -8.62
N THR C 114 11.99 -14.42 -8.83
CA THR C 114 11.05 -14.92 -9.83
C THR C 114 9.62 -14.80 -9.32
N VAL C 115 9.43 -14.92 -8.01
CA VAL C 115 8.11 -14.70 -7.43
C VAL C 115 7.71 -13.23 -7.55
N GLN C 116 8.70 -12.33 -7.42
CA GLN C 116 8.45 -10.90 -7.54
C GLN C 116 7.96 -10.55 -8.93
N GLU C 117 8.58 -11.14 -9.96
CA GLU C 117 8.12 -10.91 -11.31
C GLU C 117 6.82 -11.65 -11.59
N PHE C 118 6.56 -12.72 -10.82
CA PHE C 118 5.32 -13.44 -11.00
C PHE C 118 4.12 -12.63 -10.52
N LEU C 119 4.31 -11.85 -9.46
CA LEU C 119 3.21 -11.05 -8.94
C LEU C 119 2.86 -9.93 -9.90
N VAL C 120 3.86 -9.39 -10.58
CA VAL C 120 3.62 -8.31 -11.53
C VAL C 120 2.87 -8.82 -12.75
N SER C 121 3.33 -9.92 -13.32
CA SER C 121 2.79 -10.41 -14.58
C SER C 121 1.39 -10.97 -14.41
N PHE C 122 1.19 -11.84 -13.42
CA PHE C 122 -0.15 -12.36 -13.15
C PHE C 122 -1.05 -11.27 -12.63
N GLY C 123 -0.48 -10.28 -11.95
CA GLY C 123 -1.29 -9.19 -11.45
C GLY C 123 -1.84 -8.32 -12.56
N VAL C 124 -0.98 -7.91 -13.50
CA VAL C 124 -1.42 -7.01 -14.55
C VAL C 124 -2.26 -7.77 -15.57
N TRP C 125 -2.15 -9.10 -15.58
CA TRP C 125 -2.94 -9.92 -16.49
C TRP C 125 -4.41 -9.89 -16.11
N ILE C 126 -4.72 -10.10 -14.84
CA ILE C 126 -6.10 -10.16 -14.41
C ILE C 126 -6.72 -8.78 -14.39
N ARG C 127 -5.93 -7.73 -14.19
CA ARG C 127 -6.46 -6.38 -14.26
C ARG C 127 -6.77 -5.96 -15.69
N THR C 128 -6.08 -6.52 -16.66
CA THR C 128 -6.35 -6.31 -18.07
C THR C 128 -7.71 -6.93 -18.42
N PRO C 129 -8.51 -6.26 -19.24
CA PRO C 129 -9.74 -6.88 -19.76
C PRO C 129 -9.44 -8.11 -20.60
N ALA C 130 -10.49 -8.91 -20.84
CA ALA C 130 -10.29 -10.22 -21.46
C ALA C 130 -9.83 -10.18 -22.92
N PRO C 131 -10.37 -9.35 -23.82
CA PRO C 131 -9.65 -9.14 -25.07
C PRO C 131 -8.47 -8.22 -24.82
N TYR C 132 -7.60 -8.12 -25.82
CA TYR C 132 -6.38 -7.32 -25.81
C TYR C 132 -5.47 -7.78 -24.69
N ARG C 133 -5.45 -9.09 -24.44
CA ARG C 133 -4.80 -9.66 -23.28
C ARG C 133 -4.02 -10.88 -23.74
N PRO C 134 -2.96 -11.25 -23.03
CA PRO C 134 -2.45 -12.61 -23.15
C PRO C 134 -3.54 -13.62 -22.80
N PRO C 135 -3.63 -14.70 -23.58
CA PRO C 135 -4.83 -15.55 -23.51
C PRO C 135 -4.91 -16.41 -22.27
N ASN C 136 -3.77 -16.72 -21.65
CA ASN C 136 -3.73 -17.57 -20.49
C ASN C 136 -3.02 -16.87 -19.35
N ALA C 137 -3.39 -17.23 -18.13
CA ALA C 137 -2.79 -16.63 -16.94
C ALA C 137 -1.34 -17.11 -16.80
N PRO C 138 -0.45 -16.25 -16.33
CA PRO C 138 0.92 -16.70 -16.10
C PRO C 138 1.03 -17.57 -14.86
N ILE C 139 1.89 -18.59 -14.93
CA ILE C 139 2.20 -19.46 -13.81
C ILE C 139 3.70 -19.67 -13.75
N LEU C 140 4.12 -20.56 -12.85
CA LEU C 140 5.53 -20.74 -12.56
C LEU C 140 6.13 -21.87 -13.38
N SER C 141 7.46 -21.89 -13.46
CA SER C 141 8.18 -22.89 -14.24
C SER C 141 8.66 -24.06 -13.38
N MET D 1 2.07 -30.18 9.97
CA MET D 1 3.24 -30.82 10.54
C MET D 1 3.52 -30.35 11.96
N ASP D 2 4.17 -31.19 12.74
CA ASP D 2 4.59 -30.82 14.09
C ASP D 2 5.99 -30.22 14.00
N ILE D 3 6.07 -28.92 14.21
CA ILE D 3 7.30 -28.17 13.99
C ILE D 3 7.73 -27.54 15.30
N ASP D 4 9.00 -27.71 15.64
CA ASP D 4 9.56 -27.01 16.79
C ASP D 4 10.08 -25.66 16.35
N PRO D 5 9.54 -24.55 16.87
CA PRO D 5 10.03 -23.23 16.47
C PRO D 5 11.33 -22.80 17.13
N TYR D 6 12.04 -23.72 17.75
CA TYR D 6 13.30 -23.42 18.42
C TYR D 6 14.42 -24.32 17.94
N LYS D 7 14.10 -25.32 17.12
CA LYS D 7 15.06 -26.35 16.75
C LYS D 7 16.18 -25.78 15.89
N GLU D 8 15.84 -24.92 14.94
CA GLU D 8 16.89 -24.23 14.21
C GLU D 8 17.57 -23.16 15.04
N PHE D 9 16.99 -22.76 16.16
CA PHE D 9 17.63 -21.82 17.06
C PHE D 9 18.48 -22.52 18.11
N GLY D 10 18.78 -23.79 17.90
CA GLY D 10 19.57 -24.56 18.85
C GLY D 10 18.85 -24.78 20.17
N SER D 11 17.54 -24.90 20.14
CA SER D 11 16.76 -24.98 21.36
C SER D 11 15.59 -25.91 21.15
N SER D 12 14.81 -26.12 22.19
CA SER D 12 13.64 -26.98 22.09
C SER D 12 12.44 -26.29 22.72
N TYR D 13 11.28 -26.90 22.50
CA TYR D 13 10.08 -26.43 23.19
C TYR D 13 10.13 -26.77 24.67
N GLN D 14 10.81 -27.87 25.02
CA GLN D 14 10.82 -28.32 26.42
C GLN D 14 11.72 -27.46 27.27
N LEU D 15 12.61 -26.68 26.64
CA LEU D 15 13.37 -25.68 27.40
C LEU D 15 12.44 -24.62 27.96
N LEU D 16 11.37 -24.31 27.23
CA LEU D 16 10.38 -23.36 27.74
C LEU D 16 9.62 -23.94 28.91
N ASN D 17 9.46 -25.26 28.94
CA ASN D 17 8.73 -25.92 30.01
C ASN D 17 9.52 -25.99 31.31
N PHE D 18 10.81 -25.65 31.28
CA PHE D 18 11.54 -25.38 32.50
C PHE D 18 10.96 -24.20 33.25
N LEU D 19 10.59 -23.16 32.53
CA LEU D 19 10.01 -21.98 33.16
C LEU D 19 8.59 -22.30 33.59
N PRO D 20 8.11 -21.76 34.69
CA PRO D 20 6.68 -21.84 35.00
C PRO D 20 5.89 -20.92 34.08
N LEU D 21 4.57 -21.05 34.15
CA LEU D 21 3.67 -20.19 33.41
C LEU D 21 3.77 -18.76 33.90
N ASP D 22 3.95 -18.61 35.21
CA ASP D 22 3.97 -17.30 35.85
C ASP D 22 5.22 -16.51 35.52
N PHE D 23 6.27 -17.19 35.04
CA PHE D 23 7.54 -16.55 34.77
C PHE D 23 7.44 -15.53 33.64
N PHE D 24 6.61 -15.83 32.65
CA PHE D 24 6.57 -15.00 31.46
C PHE D 24 5.88 -13.68 31.74
N PRO D 25 6.50 -12.56 31.40
CA PRO D 25 5.82 -11.27 31.53
C PRO D 25 4.68 -11.18 30.52
N ASP D 26 3.72 -10.32 30.82
CA ASP D 26 2.43 -10.37 30.14
C ASP D 26 2.50 -9.80 28.73
N LEU D 27 1.31 -9.63 28.14
CA LEU D 27 1.18 -9.45 26.70
C LEU D 27 1.66 -8.07 26.27
N ASN D 28 1.13 -7.02 26.89
CA ASN D 28 1.32 -5.68 26.37
C ASN D 28 2.74 -5.18 26.62
N ALA D 29 3.36 -5.63 27.71
CA ALA D 29 4.68 -5.14 28.03
C ALA D 29 5.74 -5.74 27.11
N LEU D 30 5.48 -6.93 26.58
CA LEU D 30 6.39 -7.51 25.61
C LEU D 30 6.35 -6.73 24.31
N VAL D 31 5.19 -6.20 23.96
CA VAL D 31 5.07 -5.33 22.79
C VAL D 31 5.85 -4.05 23.02
N ASP D 32 5.86 -3.57 24.28
CA ASP D 32 6.63 -2.39 24.63
C ASP D 32 8.13 -2.67 24.55
N THR D 33 8.52 -3.93 24.70
CA THR D 33 9.94 -4.27 24.69
C THR D 33 10.51 -4.16 23.28
N ALA D 34 9.77 -4.66 22.29
CA ALA D 34 10.24 -4.57 20.92
C ALA D 34 10.18 -3.14 20.40
N THR D 35 9.17 -2.40 20.87
CA THR D 35 9.00 -1.01 20.44
C THR D 35 10.15 -0.14 20.94
N ALA D 36 10.51 -0.30 22.20
CA ALA D 36 11.53 0.55 22.80
C ALA D 36 12.92 0.20 22.30
N LEU D 37 13.10 -1.03 21.82
CA LEU D 37 14.42 -1.48 21.46
C LEU D 37 14.65 -1.59 19.96
N TYR D 38 13.80 -2.31 19.26
CA TYR D 38 14.15 -2.77 17.93
C TYR D 38 13.19 -2.24 16.88
N GLU D 39 12.66 -1.03 17.09
CA GLU D 39 11.60 -0.48 16.25
C GLU D 39 12.06 -0.27 14.81
N GLU D 40 13.18 0.41 14.63
CA GLU D 40 13.71 0.62 13.29
C GLU D 40 14.26 -0.66 12.71
N GLU D 41 14.62 -1.61 13.57
CA GLU D 41 15.02 -2.92 13.07
C GLU D 41 13.83 -3.69 12.54
N LEU D 42 12.71 -3.68 13.26
CA LEU D 42 11.59 -4.52 12.88
C LEU D 42 10.79 -3.90 11.72
N THR D 43 10.90 -2.59 11.55
CA THR D 43 10.33 -1.93 10.39
C THR D 43 11.31 -1.85 9.24
N GLY D 44 12.55 -2.31 9.45
CA GLY D 44 13.60 -2.10 8.47
C GLY D 44 13.46 -2.96 7.24
N ARG D 45 14.29 -2.65 6.25
CA ARG D 45 14.29 -3.36 4.99
C ARG D 45 15.21 -4.56 4.99
N GLU D 46 15.76 -4.94 6.14
CA GLU D 46 16.87 -5.88 6.17
C GLU D 46 16.48 -7.18 6.85
N HIS D 47 16.83 -8.29 6.20
CA HIS D 47 16.60 -9.59 6.80
C HIS D 47 17.72 -9.96 7.76
N CYS D 48 17.79 -9.28 8.90
CA CYS D 48 18.87 -9.47 9.86
C CYS D 48 18.69 -10.80 10.59
N SER D 49 19.50 -11.04 11.64
CA SER D 49 19.62 -12.25 12.46
C SER D 49 18.25 -12.86 12.77
N PRO D 50 18.08 -14.16 12.52
CA PRO D 50 16.74 -14.71 12.25
C PRO D 50 15.75 -14.63 13.40
N HIS D 51 16.20 -14.19 14.58
CA HIS D 51 15.27 -13.78 15.63
C HIS D 51 14.41 -12.60 15.17
N HIS D 52 14.97 -11.75 14.30
CA HIS D 52 14.24 -10.61 13.76
C HIS D 52 12.98 -11.05 13.04
N THR D 53 13.11 -12.03 12.15
CA THR D 53 11.97 -12.49 11.38
C THR D 53 10.98 -13.20 12.28
N ALA D 54 11.49 -13.90 13.29
CA ALA D 54 10.62 -14.64 14.20
C ALA D 54 9.77 -13.69 15.04
N ILE D 55 10.34 -12.55 15.41
CA ILE D 55 9.57 -11.54 16.13
C ILE D 55 8.51 -10.95 15.21
N ARG D 56 8.87 -10.74 13.94
CA ARG D 56 7.95 -10.12 13.00
C ARG D 56 6.79 -11.05 12.67
N GLN D 57 7.03 -12.35 12.69
CA GLN D 57 5.93 -13.28 12.49
C GLN D 57 5.02 -13.31 13.69
N ALA D 58 5.59 -13.11 14.88
CA ALA D 58 4.81 -13.26 16.10
C ALA D 58 3.85 -12.08 16.30
N LEU D 59 4.26 -10.89 15.88
CA LEU D 59 3.42 -9.73 16.10
C LEU D 59 2.25 -9.70 15.14
N VAL D 60 2.49 -10.13 13.89
CA VAL D 60 1.40 -10.29 12.93
C VAL D 60 0.46 -11.38 13.40
N CYS D 61 1.02 -12.44 13.98
CA CYS D 61 0.21 -13.43 14.69
C CYS D 61 -0.54 -12.81 15.84
N TRP D 62 0.07 -11.83 16.51
CA TRP D 62 -0.58 -11.26 17.67
C TRP D 62 -1.66 -10.26 17.27
N ASP D 63 -1.41 -9.47 16.23
CA ASP D 63 -2.34 -8.42 15.85
C ASP D 63 -3.65 -8.98 15.35
N GLU D 64 -3.60 -10.17 14.76
CA GLU D 64 -4.81 -10.81 14.27
C GLU D 64 -5.69 -11.29 15.41
N LEU D 65 -5.09 -11.51 16.59
CA LEU D 65 -5.88 -11.91 17.75
C LEU D 65 -6.75 -10.77 18.24
N THR D 66 -6.17 -9.56 18.32
CA THR D 66 -6.92 -8.40 18.76
C THR D 66 -7.97 -8.02 17.74
N LYS D 67 -7.69 -8.25 16.45
CA LYS D 67 -8.69 -8.04 15.42
C LYS D 67 -9.84 -9.05 15.54
N LEU D 68 -9.53 -10.26 15.99
CA LEU D 68 -10.57 -11.28 16.10
C LEU D 68 -11.47 -11.03 17.30
N ILE D 69 -10.87 -10.75 18.46
CA ILE D 69 -11.65 -10.67 19.68
C ILE D 69 -12.49 -9.41 19.71
N ALA D 70 -12.07 -8.37 19.01
CA ALA D 70 -12.88 -7.16 18.93
C ALA D 70 -14.02 -7.34 17.94
N TRP D 71 -13.90 -8.33 17.06
CA TRP D 71 -14.86 -8.49 15.97
C TRP D 71 -16.16 -9.10 16.47
N MET D 72 -16.09 -10.31 17.03
CA MET D 72 -17.31 -10.97 17.47
C MET D 72 -17.85 -10.36 18.74
N SER D 73 -17.03 -9.59 19.46
CA SER D 73 -17.52 -8.75 20.55
C SER D 73 -18.53 -7.75 20.02
N SER D 74 -18.24 -7.16 18.87
CA SER D 74 -19.18 -6.27 18.20
C SER D 74 -20.15 -7.01 17.29
N ASN D 75 -20.08 -8.34 17.24
CA ASN D 75 -20.99 -9.08 16.37
C ASN D 75 -21.95 -9.99 17.12
N ILE D 76 -21.48 -10.93 17.92
CA ILE D 76 -22.37 -11.90 18.56
C ILE D 76 -22.67 -11.54 20.01
N THR D 77 -21.66 -11.06 20.76
CA THR D 77 -21.81 -10.29 22.01
C THR D 77 -22.46 -11.13 23.13
N SER D 78 -22.59 -12.44 22.90
CA SER D 78 -23.13 -13.37 23.89
C SER D 78 -22.09 -13.50 25.00
N GLU D 79 -22.35 -12.81 26.10
CA GLU D 79 -21.29 -12.32 26.98
C GLU D 79 -20.54 -13.44 27.69
N GLN D 80 -21.27 -14.31 28.39
CA GLN D 80 -20.61 -15.42 29.09
C GLN D 80 -20.12 -16.47 28.11
N VAL D 81 -20.72 -16.50 26.91
CA VAL D 81 -20.17 -17.35 25.85
C VAL D 81 -18.89 -16.71 25.30
N ARG D 82 -18.91 -15.39 25.13
CA ARG D 82 -17.73 -14.68 24.63
C ARG D 82 -16.57 -14.74 25.62
N THR D 83 -16.83 -14.51 26.90
CA THR D 83 -15.75 -14.21 27.84
C THR D 83 -14.92 -15.45 28.15
N ILE D 84 -15.56 -16.62 28.20
CA ILE D 84 -14.85 -17.88 28.38
C ILE D 84 -13.92 -18.15 27.19
N ILE D 85 -14.34 -17.75 25.99
CA ILE D 85 -13.47 -17.87 24.82
C ILE D 85 -12.27 -16.95 24.95
N VAL D 86 -12.50 -15.72 25.41
CA VAL D 86 -11.42 -14.74 25.50
C VAL D 86 -10.46 -15.10 26.61
N ASN D 87 -10.98 -15.63 27.73
CA ASN D 87 -10.11 -16.04 28.82
C ASN D 87 -9.30 -17.27 28.43
N HIS D 88 -9.87 -18.14 27.60
CA HIS D 88 -9.15 -19.31 27.13
C HIS D 88 -8.04 -18.91 26.18
N VAL D 89 -8.33 -17.96 25.28
CA VAL D 89 -7.35 -17.60 24.27
C VAL D 89 -6.27 -16.72 24.86
N ASN D 90 -6.55 -16.11 26.02
CA ASN D 90 -5.49 -15.41 26.74
C ASN D 90 -4.53 -16.39 27.39
N ASP D 91 -5.05 -17.52 27.87
CA ASP D 91 -4.23 -18.42 28.66
C ASP D 91 -3.60 -19.54 27.83
N THR D 92 -4.20 -19.90 26.70
CA THR D 92 -3.66 -20.94 25.85
C THR D 92 -2.81 -20.34 24.75
N TRP D 93 -3.40 -19.46 23.96
CA TRP D 93 -2.74 -18.90 22.78
C TRP D 93 -1.63 -17.92 23.17
N GLY D 94 -1.98 -16.91 23.98
CA GLY D 94 -1.04 -15.84 24.26
C GLY D 94 0.11 -16.29 25.12
N LEU D 95 -0.08 -17.34 25.90
CA LEU D 95 1.02 -17.96 26.63
C LEU D 95 2.08 -18.50 25.67
N LYS D 96 1.64 -19.13 24.58
CA LYS D 96 2.57 -19.57 23.54
C LYS D 96 3.25 -18.38 22.89
N VAL D 97 2.52 -17.27 22.75
CA VAL D 97 3.12 -16.06 22.21
C VAL D 97 4.13 -15.47 23.18
N ARG D 98 3.79 -15.48 24.48
CA ARG D 98 4.73 -15.01 25.49
C ARG D 98 5.95 -15.89 25.58
N GLN D 99 5.81 -17.17 25.24
CA GLN D 99 6.97 -18.02 25.08
C GLN D 99 7.82 -17.55 23.91
N SER D 100 7.19 -17.23 22.79
CA SER D 100 7.94 -16.93 21.60
C SER D 100 8.51 -15.52 21.64
N LEU D 101 7.75 -14.59 22.22
CA LEU D 101 8.22 -13.21 22.29
C LEU D 101 9.40 -13.07 23.22
N TRP D 102 9.34 -13.72 24.37
CA TRP D 102 10.37 -13.57 25.38
C TRP D 102 11.68 -14.19 24.92
N PHE D 103 11.58 -15.23 24.08
CA PHE D 103 12.76 -15.95 23.65
C PHE D 103 13.63 -15.09 22.74
N HIS D 104 13.07 -14.68 21.60
CA HIS D 104 13.89 -14.06 20.57
C HIS D 104 14.33 -12.66 20.96
N LEU D 105 13.52 -11.98 21.77
CA LEU D 105 13.93 -10.68 22.30
C LEU D 105 15.13 -10.82 23.22
N SER D 106 15.17 -11.89 24.01
CA SER D 106 16.27 -12.08 24.93
C SER D 106 17.54 -12.47 24.19
N CYS D 107 17.39 -13.24 23.10
CA CYS D 107 18.55 -13.71 22.36
C CYS D 107 19.25 -12.57 21.65
N LEU D 108 18.48 -11.60 21.16
CA LEU D 108 19.11 -10.42 20.58
C LEU D 108 19.62 -9.49 21.65
N THR D 109 19.16 -9.65 22.89
CA THR D 109 19.58 -8.73 23.93
C THR D 109 20.85 -9.20 24.60
N PHE D 110 20.99 -10.51 24.82
CA PHE D 110 22.10 -11.02 25.58
C PHE D 110 22.88 -12.12 24.87
N GLY D 111 22.54 -12.45 23.63
CA GLY D 111 23.18 -13.57 23.00
C GLY D 111 22.44 -14.85 23.31
N GLN D 112 22.15 -15.64 22.27
CA GLN D 112 21.30 -16.81 22.45
C GLN D 112 22.01 -17.92 23.24
N HIS D 113 23.35 -17.94 23.19
CA HIS D 113 24.09 -18.90 23.98
C HIS D 113 23.98 -18.59 25.46
N THR D 114 23.81 -17.31 25.80
CA THR D 114 23.59 -16.95 27.19
C THR D 114 22.20 -17.37 27.64
N VAL D 115 21.24 -17.30 26.71
CA VAL D 115 19.89 -17.80 26.97
C VAL D 115 19.93 -19.31 27.16
N GLN D 116 20.82 -19.99 26.43
CA GLN D 116 21.06 -21.40 26.65
C GLN D 116 21.62 -21.63 28.05
N GLU D 117 22.58 -20.80 28.46
CA GLU D 117 23.10 -20.90 29.82
C GLU D 117 22.07 -20.47 30.84
N PHE D 118 21.12 -19.63 30.42
CA PHE D 118 20.09 -19.16 31.33
C PHE D 118 19.15 -20.29 31.71
N LEU D 119 18.60 -20.98 30.70
CA LEU D 119 17.55 -21.95 30.96
C LEU D 119 18.07 -23.17 31.68
N VAL D 120 19.34 -23.49 31.47
CA VAL D 120 19.95 -24.59 32.20
C VAL D 120 20.14 -24.22 33.66
N SER D 121 20.73 -23.04 33.91
CA SER D 121 21.01 -22.64 35.28
C SER D 121 19.73 -22.33 36.03
N PHE D 122 18.72 -21.84 35.33
CA PHE D 122 17.42 -21.70 35.96
C PHE D 122 16.80 -23.06 36.24
N GLY D 123 17.04 -24.02 35.34
CA GLY D 123 16.44 -25.34 35.48
C GLY D 123 16.97 -26.06 36.70
N VAL D 124 18.23 -25.81 37.05
CA VAL D 124 18.75 -26.28 38.32
C VAL D 124 18.05 -25.55 39.46
N TRP D 125 17.89 -24.23 39.32
CA TRP D 125 17.44 -23.42 40.44
C TRP D 125 15.96 -23.61 40.71
N ILE D 126 15.19 -23.95 39.68
CA ILE D 126 13.76 -24.11 39.89
C ILE D 126 13.44 -25.46 40.54
N ARG D 127 14.30 -26.47 40.32
CA ARG D 127 13.96 -27.81 40.76
C ARG D 127 14.39 -28.10 42.18
N THR D 128 15.34 -27.36 42.72
CA THR D 128 15.73 -27.58 44.09
C THR D 128 14.70 -26.96 45.02
N PRO D 129 14.35 -27.64 46.11
CA PRO D 129 13.37 -27.06 47.04
C PRO D 129 13.96 -25.91 47.84
N ALA D 130 13.06 -25.02 48.27
CA ALA D 130 13.32 -23.77 48.97
C ALA D 130 14.33 -23.80 50.13
N PRO D 131 14.37 -24.83 51.03
CA PRO D 131 15.43 -24.78 52.06
C PRO D 131 16.79 -25.19 51.54
N TYR D 132 16.86 -25.58 50.28
CA TYR D 132 18.12 -25.93 49.67
C TYR D 132 18.23 -25.11 48.38
N ARG D 133 17.90 -23.84 48.48
CA ARG D 133 17.75 -23.01 47.30
C ARG D 133 18.12 -21.59 47.64
N PRO D 134 18.99 -20.96 46.87
CA PRO D 134 19.31 -19.57 47.12
C PRO D 134 18.16 -18.69 46.70
N PRO D 135 18.02 -17.50 47.30
CA PRO D 135 16.95 -16.60 46.90
C PRO D 135 17.27 -15.78 45.66
N ASN D 136 18.38 -16.05 45.01
CA ASN D 136 18.85 -15.23 43.90
C ASN D 136 18.62 -15.98 42.60
N ALA D 137 17.70 -15.48 41.79
CA ALA D 137 17.43 -16.06 40.50
C ALA D 137 18.57 -15.79 39.54
N PRO D 138 19.05 -16.80 38.84
CA PRO D 138 20.15 -16.60 37.90
C PRO D 138 19.72 -15.88 36.64
N ILE D 139 19.65 -14.55 36.71
CA ILE D 139 19.09 -13.72 35.64
C ILE D 139 20.12 -12.78 35.02
N LEU D 140 19.61 -11.63 34.49
CA LEU D 140 20.21 -10.79 33.45
C LEU D 140 20.05 -11.56 32.14
#